data_6WAB
#
_entry.id   6WAB
#
_cell.length_a   45.698
_cell.length_b   128.558
_cell.length_c   45.891
_cell.angle_alpha   90.000
_cell.angle_beta   101.219
_cell.angle_gamma   90.000
#
_symmetry.space_group_name_H-M   'P 1 21 1'
#
loop_
_entity.id
_entity.type
_entity.pdbx_description
1 polymer Galectin-4
2 non-polymer 2,6-anhydro-1,4-dideoxy-1-[4-(4-fluorophenyl)-1H-1,2,3-triazol-1-yl]-4-(4-phenyl-1H-1,2,3-triazol-1-yl)-D-glycero-L-manno-heptitol
3 non-polymer GLYCEROL
4 water water
#
_entity_poly.entity_id   1
_entity_poly.type   'polypeptide(L)'
_entity_poly.pdbx_seq_one_letter_code
;GPPTFNPPVPYFGRLQGGLTARRTIIIKGYVPPTGKSFAINFKVGSSGDIALHINPRMGNGTVVRNSLLNGSWGSEEKKI
THNPFGPGQFFDLSIRCGLDRFKVYANGQHLFDFAHRLSAFQRVDTLEIQGDVTLSYVQI
;
_entity_poly.pdbx_strand_id   A,B,C,D
#
# COMPACT_ATOMS: atom_id res chain seq x y z
N PRO A 2 -23.49 -0.30 24.73
CA PRO A 2 -23.07 -1.71 24.52
C PRO A 2 -21.69 -2.00 25.10
N PRO A 3 -21.47 -3.25 25.58
CA PRO A 3 -20.20 -3.62 26.21
C PRO A 3 -19.07 -3.70 25.15
N THR A 4 -17.81 -3.69 25.57
CA THR A 4 -16.67 -3.83 24.63
C THR A 4 -16.52 -5.31 24.23
N PHE A 5 -16.80 -6.27 25.13
CA PHE A 5 -16.60 -7.72 24.92
C PHE A 5 -17.94 -8.44 24.79
N ASN A 6 -18.03 -9.31 23.78
CA ASN A 6 -19.25 -10.04 23.33
C ASN A 6 -20.44 -9.09 23.26
N PRO A 7 -20.32 -7.92 22.61
CA PRO A 7 -21.51 -7.08 22.44
C PRO A 7 -22.44 -7.84 21.53
N PRO A 8 -23.75 -7.90 21.82
CA PRO A 8 -24.66 -8.58 20.91
C PRO A 8 -24.96 -7.73 19.66
N VAL A 9 -25.37 -8.36 18.56
CA VAL A 9 -25.83 -7.63 17.34
C VAL A 9 -27.35 -7.57 17.43
N PRO A 10 -27.98 -6.47 16.95
CA PRO A 10 -27.28 -5.33 16.38
C PRO A 10 -26.59 -4.44 17.40
N TYR A 11 -25.31 -4.13 17.15
CA TYR A 11 -24.46 -3.18 17.94
C TYR A 11 -24.75 -1.74 17.49
N PHE A 12 -25.06 -0.87 18.47
CA PHE A 12 -25.21 0.59 18.27
C PHE A 12 -24.28 1.26 19.27
N GLY A 13 -23.23 1.87 18.74
CA GLY A 13 -22.21 2.55 19.54
C GLY A 13 -22.10 4.00 19.12
N ARG A 14 -22.01 4.89 20.11
CA ARG A 14 -21.83 6.36 19.98
C ARG A 14 -20.33 6.65 19.92
N LEU A 15 -19.87 7.27 18.84
CA LEU A 15 -18.48 7.78 18.73
C LEU A 15 -18.49 9.20 19.31
N GLN A 16 -18.08 9.31 20.59
CA GLN A 16 -18.19 10.54 21.44
C GLN A 16 -17.16 11.58 20.96
N GLY A 17 -17.58 12.84 20.80
CA GLY A 17 -16.81 13.89 20.11
C GLY A 17 -16.87 13.73 18.59
N GLY A 18 -17.30 12.55 18.12
CA GLY A 18 -17.43 12.24 16.68
C GLY A 18 -16.19 11.56 16.15
N LEU A 19 -16.25 11.09 14.90
CA LEU A 19 -15.10 10.47 14.21
C LEU A 19 -14.03 11.55 14.01
N THR A 20 -12.98 11.55 14.82
CA THR A 20 -11.82 12.46 14.61
C THR A 20 -10.79 11.72 13.76
N ALA A 21 -9.96 12.45 13.01
CA ALA A 21 -8.78 11.89 12.33
C ALA A 21 -7.99 11.08 13.37
N ARG A 22 -7.37 9.98 12.96
CA ARG A 22 -6.49 9.15 13.80
C ARG A 22 -7.32 8.16 14.62
N ARG A 23 -8.64 8.33 14.66
CA ARG A 23 -9.55 7.42 15.41
C ARG A 23 -9.51 6.03 14.75
N THR A 24 -9.17 5.01 15.53
CA THR A 24 -9.07 3.58 15.13
C THR A 24 -10.21 2.79 15.79
N ILE A 25 -11.04 2.13 15.01
CA ILE A 25 -12.14 1.25 15.49
C ILE A 25 -11.70 -0.20 15.27
N ILE A 26 -11.61 -0.98 16.34
CA ILE A 26 -11.34 -2.45 16.29
C ILE A 26 -12.66 -3.22 16.33
N ILE A 27 -12.83 -4.17 15.41
CA ILE A 27 -13.90 -5.21 15.42
C ILE A 27 -13.25 -6.58 15.27
N LYS A 28 -13.34 -7.44 16.29
CA LYS A 28 -13.03 -8.88 16.17
C LYS A 28 -14.34 -9.68 16.20
N GLY A 29 -14.52 -10.60 15.29
CA GLY A 29 -15.82 -11.26 15.19
C GLY A 29 -15.74 -12.55 14.42
N TYR A 30 -16.91 -13.12 14.19
CA TYR A 30 -17.13 -14.45 13.56
C TYR A 30 -18.25 -14.33 12.53
N VAL A 31 -18.02 -14.78 11.32
CA VAL A 31 -19.06 -14.95 10.27
C VAL A 31 -19.61 -16.36 10.47
N PRO A 32 -20.91 -16.50 10.82
CA PRO A 32 -21.49 -17.83 10.98
C PRO A 32 -21.45 -18.63 9.67
N PRO A 33 -21.41 -19.98 9.74
CA PRO A 33 -21.42 -20.83 8.56
C PRO A 33 -22.65 -20.61 7.65
N THR A 34 -23.76 -20.14 8.21
CA THR A 34 -25.03 -19.87 7.47
C THR A 34 -25.16 -18.37 7.17
N GLY A 35 -24.16 -17.56 7.49
CA GLY A 35 -24.26 -16.09 7.32
C GLY A 35 -24.50 -15.73 5.87
N LYS A 36 -25.38 -14.76 5.60
CA LYS A 36 -25.56 -14.24 4.22
C LYS A 36 -24.83 -12.89 4.03
N SER A 37 -25.01 -11.96 4.96
CA SER A 37 -24.46 -10.60 4.81
C SER A 37 -24.50 -9.90 6.16
N PHE A 38 -23.46 -9.14 6.46
CA PHE A 38 -23.51 -8.15 7.55
C PHE A 38 -22.99 -6.81 7.07
N ALA A 39 -23.29 -5.79 7.85
CA ALA A 39 -22.96 -4.40 7.54
C ALA A 39 -22.30 -3.76 8.75
N ILE A 40 -21.28 -2.96 8.46
CA ILE A 40 -20.65 -1.99 9.40
C ILE A 40 -20.93 -0.63 8.78
N ASN A 41 -21.57 0.26 9.56
CA ASN A 41 -21.95 1.64 9.16
C ASN A 41 -21.30 2.66 10.10
N PHE A 42 -20.52 3.57 9.52
CA PHE A 42 -20.07 4.85 10.10
C PHE A 42 -21.05 5.94 9.68
N LYS A 43 -21.98 6.28 10.59
CA LYS A 43 -23.29 6.90 10.28
C LYS A 43 -23.50 8.21 11.05
N VAL A 44 -24.13 9.20 10.40
CA VAL A 44 -24.58 10.49 11.04
C VAL A 44 -26.02 10.26 11.49
N GLY A 45 -26.24 10.06 12.80
CA GLY A 45 -27.50 9.53 13.37
C GLY A 45 -28.70 10.42 13.07
N SER A 46 -28.54 11.73 13.31
CA SER A 46 -29.60 12.78 13.21
C SER A 46 -30.23 12.77 11.81
N SER A 47 -29.41 12.52 10.77
CA SER A 47 -29.75 12.56 9.31
C SER A 47 -29.92 11.16 8.69
N GLY A 48 -29.24 10.13 9.23
CA GLY A 48 -29.29 8.76 8.70
C GLY A 48 -28.19 8.48 7.68
N ASP A 49 -27.40 9.51 7.33
CA ASP A 49 -26.30 9.43 6.34
C ASP A 49 -25.27 8.37 6.79
N ILE A 50 -24.60 7.73 5.81
CA ILE A 50 -23.50 6.75 6.05
C ILE A 50 -22.27 7.17 5.23
N ALA A 51 -21.29 7.74 5.92
CA ALA A 51 -19.94 8.11 5.42
C ALA A 51 -19.25 6.87 4.85
N LEU A 52 -19.35 5.74 5.54
CA LEU A 52 -18.72 4.48 5.08
C LEU A 52 -19.59 3.31 5.53
N HIS A 53 -20.00 2.51 4.55
CA HIS A 53 -20.80 1.27 4.67
C HIS A 53 -19.96 0.13 4.12
N ILE A 54 -19.71 -0.89 4.94
CA ILE A 54 -18.91 -2.09 4.59
C ILE A 54 -19.85 -3.29 4.66
N ASN A 55 -20.05 -3.96 3.53
CA ASN A 55 -21.08 -5.02 3.40
C ASN A 55 -20.42 -6.27 2.83
N PRO A 56 -19.79 -7.11 3.67
CA PRO A 56 -19.46 -8.47 3.28
C PRO A 56 -20.70 -9.29 3.00
N ARG A 57 -20.76 -9.87 1.79
CA ARG A 57 -21.85 -10.71 1.28
C ARG A 57 -21.29 -12.10 0.95
N MET A 58 -21.72 -13.12 1.71
CA MET A 58 -21.15 -14.49 1.63
C MET A 58 -21.60 -15.18 0.33
N GLY A 59 -22.75 -14.78 -0.23
CA GLY A 59 -23.37 -15.41 -1.41
C GLY A 59 -22.42 -15.42 -2.61
N ASN A 60 -21.79 -14.28 -2.88
CA ASN A 60 -20.85 -14.08 -4.02
C ASN A 60 -19.44 -13.75 -3.51
N GLY A 61 -19.19 -13.74 -2.18
CA GLY A 61 -17.84 -13.49 -1.62
C GLY A 61 -17.36 -12.09 -1.96
N THR A 62 -18.19 -11.07 -1.79
CA THR A 62 -17.87 -9.65 -2.11
C THR A 62 -17.78 -8.88 -0.81
N VAL A 63 -16.95 -7.85 -0.82
CA VAL A 63 -16.79 -6.87 0.28
C VAL A 63 -17.14 -5.50 -0.27
N VAL A 64 -18.40 -5.08 -0.10
CA VAL A 64 -18.97 -3.89 -0.80
C VAL A 64 -18.79 -2.67 0.11
N ARG A 65 -18.13 -1.65 -0.44
CA ARG A 65 -17.98 -0.33 0.23
C ARG A 65 -18.79 0.73 -0.53
N ASN A 66 -19.51 1.55 0.21
CA ASN A 66 -20.29 2.68 -0.35
C ASN A 66 -20.51 3.71 0.77
N SER A 67 -21.18 4.81 0.39
CA SER A 67 -21.76 5.85 1.25
C SER A 67 -23.25 6.04 0.91
N LEU A 68 -24.06 6.39 1.90
CA LEU A 68 -25.47 6.81 1.73
C LEU A 68 -25.55 8.26 2.17
N LEU A 69 -25.71 9.15 1.21
CA LEU A 69 -25.69 10.62 1.44
C LEU A 69 -26.98 11.18 0.85
N ASN A 70 -27.90 11.58 1.74
CA ASN A 70 -29.25 12.10 1.41
C ASN A 70 -29.97 11.09 0.51
N GLY A 71 -30.25 9.89 1.05
CA GLY A 71 -30.98 8.78 0.41
C GLY A 71 -30.42 8.46 -0.97
N SER A 72 -29.11 8.60 -1.18
CA SER A 72 -28.44 8.17 -2.42
C SER A 72 -27.20 7.30 -2.08
N TRP A 73 -27.22 6.06 -2.61
CA TRP A 73 -26.09 5.09 -2.60
C TRP A 73 -25.14 5.48 -3.71
N GLY A 74 -23.87 5.76 -3.36
CA GLY A 74 -22.86 6.20 -4.34
C GLY A 74 -22.39 5.01 -5.17
N SER A 75 -21.26 5.17 -5.87
CA SER A 75 -20.54 4.10 -6.60
C SER A 75 -19.98 3.07 -5.60
N GLU A 76 -20.16 1.80 -5.92
CA GLU A 76 -19.74 0.67 -5.07
C GLU A 76 -18.25 0.46 -5.27
N GLU A 77 -17.48 0.24 -4.21
CA GLU A 77 -16.05 -0.15 -4.31
C GLU A 77 -15.97 -1.58 -3.79
N LYS A 78 -15.44 -2.49 -4.60
CA LYS A 78 -15.44 -3.96 -4.39
C LYS A 78 -14.02 -4.54 -4.47
N LYS A 79 -13.06 -3.82 -5.06
CA LYS A 79 -11.65 -4.29 -5.26
C LYS A 79 -11.09 -4.76 -3.92
N ILE A 80 -10.67 -6.03 -3.85
CA ILE A 80 -9.85 -6.60 -2.76
C ILE A 80 -8.75 -7.49 -3.37
N THR A 81 -7.74 -7.85 -2.57
CA THR A 81 -6.74 -8.91 -2.88
C THR A 81 -7.06 -10.16 -2.07
N HIS A 82 -8.01 -10.05 -1.14
CA HIS A 82 -8.33 -11.16 -0.21
C HIS A 82 -9.68 -10.87 0.43
N ASN A 83 -10.43 -11.94 0.73
CA ASN A 83 -11.75 -11.91 1.39
C ASN A 83 -11.63 -12.65 2.71
N PRO A 84 -11.50 -11.96 3.86
CA PRO A 84 -11.35 -12.65 5.15
C PRO A 84 -12.67 -13.01 5.84
N PHE A 85 -13.80 -12.86 5.14
CA PHE A 85 -15.18 -12.96 5.73
C PHE A 85 -15.89 -14.21 5.25
N GLY A 86 -15.16 -15.28 4.94
CA GLY A 86 -15.78 -16.54 4.53
C GLY A 86 -16.68 -17.11 5.65
N PRO A 87 -17.66 -17.97 5.33
CA PRO A 87 -18.40 -18.67 6.38
C PRO A 87 -17.50 -19.38 7.41
N GLY A 88 -17.75 -19.15 8.70
CA GLY A 88 -17.07 -19.88 9.79
C GLY A 88 -15.70 -19.26 10.11
N GLN A 89 -15.42 -18.09 9.54
CA GLN A 89 -14.12 -17.39 9.73
C GLN A 89 -14.25 -16.39 10.89
N PHE A 90 -13.26 -16.41 11.79
CA PHE A 90 -12.88 -15.32 12.71
C PHE A 90 -12.07 -14.26 11.94
N PHE A 91 -12.19 -13.00 12.31
CA PHE A 91 -11.56 -11.85 11.60
C PHE A 91 -11.21 -10.82 12.65
N ASP A 92 -10.08 -10.14 12.45
CA ASP A 92 -9.59 -9.01 13.28
C ASP A 92 -9.52 -7.81 12.35
N LEU A 93 -10.55 -6.99 12.33
CA LEU A 93 -10.67 -5.85 11.40
C LEU A 93 -10.22 -4.59 12.12
N SER A 94 -9.31 -3.83 11.49
CA SER A 94 -8.84 -2.50 11.96
C SER A 94 -9.24 -1.43 10.95
N ILE A 95 -9.97 -0.41 11.42
CA ILE A 95 -10.52 0.70 10.62
C ILE A 95 -9.93 2.01 11.19
N ARG A 96 -9.00 2.67 10.46
CA ARG A 96 -8.49 4.02 10.81
C ARG A 96 -9.17 5.08 9.91
N CYS A 97 -9.82 6.07 10.52
CA CYS A 97 -10.27 7.33 9.90
C CYS A 97 -9.05 8.25 9.70
N GLY A 98 -8.56 8.34 8.48
CA GLY A 98 -7.52 9.32 8.17
C GLY A 98 -8.13 10.63 7.76
N LEU A 99 -7.27 11.55 7.32
CA LEU A 99 -7.61 12.92 6.84
C LEU A 99 -8.39 12.81 5.52
N ASP A 100 -7.93 11.96 4.61
CA ASP A 100 -8.50 11.87 3.24
C ASP A 100 -9.17 10.51 3.03
N ARG A 101 -8.85 9.48 3.83
CA ARG A 101 -9.26 8.10 3.52
C ARG A 101 -9.40 7.28 4.79
N PHE A 102 -10.43 6.44 4.83
CA PHE A 102 -10.51 5.31 5.76
C PHE A 102 -9.46 4.32 5.27
N LYS A 103 -8.75 3.71 6.22
CA LYS A 103 -7.71 2.65 6.01
C LYS A 103 -8.07 1.42 6.83
N VAL A 104 -8.42 0.32 6.16
CA VAL A 104 -8.99 -0.92 6.76
C VAL A 104 -8.02 -2.09 6.53
N TYR A 105 -7.59 -2.72 7.60
CA TYR A 105 -6.77 -3.95 7.62
C TYR A 105 -7.65 -5.02 8.24
N ALA A 106 -7.49 -6.26 7.78
CA ALA A 106 -8.09 -7.49 8.36
C ALA A 106 -6.93 -8.45 8.69
N ASN A 107 -6.86 -8.99 9.90
CA ASN A 107 -5.78 -9.91 10.33
C ASN A 107 -4.38 -9.38 9.94
N GLY A 108 -4.17 -8.07 10.00
CA GLY A 108 -2.85 -7.44 9.78
C GLY A 108 -2.59 -7.08 8.34
N GLN A 109 -3.49 -7.47 7.46
CA GLN A 109 -3.27 -7.37 6.00
C GLN A 109 -4.24 -6.31 5.52
N HIS A 110 -3.71 -5.31 4.83
CA HIS A 110 -4.47 -4.25 4.15
C HIS A 110 -5.63 -4.86 3.36
N LEU A 111 -6.83 -4.31 3.56
CA LEU A 111 -8.06 -4.81 2.92
C LEU A 111 -8.44 -3.81 1.85
N PHE A 112 -8.73 -2.56 2.27
CA PHE A 112 -9.09 -1.44 1.36
C PHE A 112 -8.86 -0.07 2.03
N ASP A 113 -8.74 0.91 1.13
CA ASP A 113 -8.87 2.35 1.39
C ASP A 113 -10.19 2.80 0.77
N PHE A 114 -10.84 3.74 1.45
CA PHE A 114 -12.10 4.40 1.05
C PHE A 114 -11.93 5.90 1.24
N ALA A 115 -11.76 6.60 0.12
CA ALA A 115 -11.62 8.08 0.11
C ALA A 115 -12.86 8.62 0.80
N HIS A 116 -12.73 9.65 1.64
CA HIS A 116 -13.86 10.34 2.29
C HIS A 116 -14.84 10.88 1.24
N ARG A 117 -16.14 10.72 1.46
CA ARG A 117 -17.18 11.29 0.57
C ARG A 117 -17.95 12.35 1.37
N LEU A 118 -18.31 12.03 2.61
CA LEU A 118 -18.66 13.05 3.65
C LEU A 118 -17.37 13.63 4.22
N SER A 119 -16.88 14.74 3.63
CA SER A 119 -15.62 15.43 4.02
C SER A 119 -15.70 15.82 5.49
N ALA A 120 -16.87 16.29 5.94
CA ALA A 120 -17.19 16.61 7.34
C ALA A 120 -17.61 15.33 8.06
N PHE A 121 -16.63 14.44 8.30
CA PHE A 121 -16.79 13.08 8.87
C PHE A 121 -16.85 13.14 10.41
N GLN A 122 -16.56 14.30 10.98
CA GLN A 122 -16.65 14.50 12.46
C GLN A 122 -18.13 14.48 12.87
N ARG A 123 -19.06 14.69 11.93
CA ARG A 123 -20.53 14.59 12.15
C ARG A 123 -20.98 13.12 12.33
N VAL A 124 -20.14 12.15 11.94
CA VAL A 124 -20.34 10.69 12.20
C VAL A 124 -20.21 10.46 13.72
N ASP A 125 -21.27 9.96 14.34
CA ASP A 125 -21.32 9.80 15.81
C ASP A 125 -21.90 8.44 16.15
N THR A 126 -22.08 7.58 15.14
CA THR A 126 -22.70 6.24 15.31
C THR A 126 -21.90 5.18 14.53
N LEU A 127 -21.42 4.19 15.26
CA LEU A 127 -20.93 2.92 14.67
C LEU A 127 -22.04 1.90 14.81
N GLU A 128 -22.41 1.27 13.69
CA GLU A 128 -23.51 0.28 13.69
C GLU A 128 -23.01 -0.96 12.96
N ILE A 129 -23.23 -2.11 13.58
CA ILE A 129 -22.90 -3.45 13.04
C ILE A 129 -24.20 -4.25 13.14
N GLN A 130 -24.68 -4.74 12.00
CA GLN A 130 -25.96 -5.45 11.87
C GLN A 130 -25.73 -6.69 11.00
N GLY A 131 -26.62 -7.68 11.09
CA GLY A 131 -26.74 -8.80 10.17
C GLY A 131 -26.03 -10.04 10.68
N ASP A 132 -25.46 -10.83 9.78
CA ASP A 132 -24.99 -12.21 10.04
C ASP A 132 -23.53 -12.14 10.48
N VAL A 133 -23.33 -11.65 11.71
CA VAL A 133 -21.99 -11.58 12.34
C VAL A 133 -22.17 -11.70 13.85
N THR A 134 -21.28 -12.44 14.49
CA THR A 134 -21.14 -12.49 15.96
C THR A 134 -19.87 -11.73 16.37
N LEU A 135 -19.97 -10.88 17.41
CA LEU A 135 -18.91 -9.95 17.86
C LEU A 135 -18.27 -10.45 19.16
N SER A 136 -16.95 -10.59 19.19
CA SER A 136 -16.21 -10.96 20.43
C SER A 136 -15.67 -9.70 21.09
N TYR A 137 -15.27 -8.71 20.30
CA TYR A 137 -14.69 -7.45 20.82
C TYR A 137 -14.90 -6.34 19.81
N VAL A 138 -15.39 -5.20 20.27
CA VAL A 138 -15.49 -3.93 19.49
CA VAL A 138 -15.44 -3.94 19.47
C VAL A 138 -14.89 -2.79 20.32
N GLN A 139 -13.74 -2.23 19.92
CA GLN A 139 -13.12 -1.07 20.62
C GLN A 139 -13.44 0.21 19.86
N ILE A 140 -14.24 1.09 20.45
CA ILE A 140 -14.43 2.49 19.98
C ILE A 140 -13.64 3.38 20.94
N PRO B 3 34.44 -5.30 -11.99
CA PRO B 3 34.98 -5.35 -10.62
C PRO B 3 33.87 -5.30 -9.54
N THR B 4 34.09 -5.99 -8.43
CA THR B 4 33.21 -5.94 -7.22
C THR B 4 33.64 -4.74 -6.35
N PHE B 5 34.94 -4.47 -6.17
CA PHE B 5 35.43 -3.38 -5.29
C PHE B 5 35.94 -2.17 -6.09
N ASN B 6 35.46 -0.99 -5.70
CA ASN B 6 35.74 0.31 -6.39
C ASN B 6 35.51 0.18 -7.89
N PRO B 7 34.42 -0.46 -8.34
CA PRO B 7 34.03 -0.34 -9.75
C PRO B 7 33.74 1.12 -10.04
N PRO B 8 34.35 1.75 -11.07
CA PRO B 8 33.99 3.11 -11.47
C PRO B 8 32.60 3.18 -12.14
N VAL B 9 32.02 4.37 -12.27
CA VAL B 9 30.78 4.57 -13.10
C VAL B 9 31.16 5.24 -14.41
N PRO B 10 30.47 4.92 -15.54
CA PRO B 10 29.31 4.02 -15.50
C PRO B 10 29.63 2.56 -15.16
N TYR B 11 28.65 1.86 -14.52
CA TYR B 11 28.73 0.44 -14.15
C TYR B 11 27.70 -0.35 -14.95
N PHE B 12 28.17 -1.38 -15.67
CA PHE B 12 27.35 -2.36 -16.43
C PHE B 12 27.72 -3.74 -15.93
N GLY B 13 26.78 -4.35 -15.21
CA GLY B 13 26.90 -5.72 -14.68
C GLY B 13 25.82 -6.61 -15.25
N ARG B 14 26.20 -7.79 -15.74
CA ARG B 14 25.30 -8.84 -16.26
C ARG B 14 24.86 -9.70 -15.09
N LEU B 15 23.56 -9.92 -14.94
CA LEU B 15 22.95 -10.85 -13.95
C LEU B 15 22.76 -12.21 -14.64
N GLN B 16 23.77 -13.07 -14.56
CA GLN B 16 23.85 -14.32 -15.36
C GLN B 16 22.76 -15.28 -14.88
N GLY B 17 21.92 -15.78 -15.80
CA GLY B 17 20.67 -16.50 -15.52
C GLY B 17 19.49 -15.55 -15.28
N GLY B 18 19.73 -14.23 -15.34
CA GLY B 18 18.69 -13.20 -15.16
C GLY B 18 18.16 -13.14 -13.74
N LEU B 19 17.36 -12.11 -13.47
CA LEU B 19 16.85 -11.77 -12.11
C LEU B 19 15.91 -12.88 -11.64
N THR B 20 16.38 -13.68 -10.68
CA THR B 20 15.62 -14.84 -10.10
C THR B 20 14.88 -14.31 -8.86
N ALA B 21 13.92 -15.12 -8.37
CA ALA B 21 12.82 -14.71 -7.47
C ALA B 21 13.25 -14.64 -5.99
N ARG B 22 14.51 -14.91 -5.64
CA ARG B 22 15.05 -14.61 -4.27
C ARG B 22 16.49 -14.08 -4.35
N ARG B 23 16.83 -13.47 -5.49
CA ARG B 23 18.20 -13.00 -5.81
C ARG B 23 18.39 -11.61 -5.20
N THR B 24 19.54 -11.36 -4.56
CA THR B 24 19.82 -10.13 -3.78
C THR B 24 21.08 -9.42 -4.28
N ILE B 25 20.94 -8.12 -4.54
CA ILE B 25 22.03 -7.25 -5.05
C ILE B 25 22.48 -6.33 -3.91
N ILE B 26 23.79 -6.25 -3.70
CA ILE B 26 24.42 -5.33 -2.74
C ILE B 26 25.11 -4.20 -3.50
N ILE B 27 24.89 -2.97 -3.04
CA ILE B 27 25.51 -1.72 -3.56
C ILE B 27 25.89 -0.86 -2.37
N LYS B 28 27.18 -0.73 -2.11
CA LYS B 28 27.75 0.19 -1.10
C LYS B 28 28.42 1.33 -1.84
N GLY B 29 28.17 2.56 -1.43
CA GLY B 29 28.56 3.74 -2.21
C GLY B 29 28.60 4.99 -1.37
N TYR B 30 29.02 6.07 -2.03
CA TYR B 30 29.26 7.42 -1.50
C TYR B 30 28.57 8.44 -2.41
N VAL B 31 27.73 9.31 -1.84
CA VAL B 31 27.14 10.49 -2.54
C VAL B 31 28.13 11.63 -2.43
N PRO B 32 28.64 12.13 -3.58
CA PRO B 32 29.57 13.24 -3.57
C PRO B 32 28.93 14.50 -2.96
N PRO B 33 29.67 15.27 -2.14
CA PRO B 33 29.14 16.50 -1.57
C PRO B 33 28.46 17.40 -2.62
N THR B 34 28.77 17.23 -3.90
CA THR B 34 28.32 18.15 -4.98
C THR B 34 27.42 17.42 -5.96
N GLY B 35 27.01 16.19 -5.66
CA GLY B 35 26.18 15.39 -6.57
C GLY B 35 24.82 16.03 -6.79
N LYS B 36 24.22 15.80 -7.95
CA LYS B 36 22.83 16.21 -8.26
C LYS B 36 21.94 14.97 -8.36
N SER B 37 22.41 13.89 -8.99
CA SER B 37 21.56 12.73 -9.34
C SER B 37 22.43 11.56 -9.76
N PHE B 38 22.05 10.36 -9.34
CA PHE B 38 22.58 9.10 -9.90
C PHE B 38 21.43 8.14 -9.96
N ALA B 39 21.60 7.13 -10.79
CA ALA B 39 20.54 6.19 -11.16
C ALA B 39 21.07 4.78 -11.04
N ILE B 40 20.23 3.89 -10.54
CA ILE B 40 20.43 2.42 -10.66
C ILE B 40 19.30 1.92 -11.55
N ASN B 41 19.59 1.10 -12.54
CA ASN B 41 18.59 0.53 -13.49
C ASN B 41 18.74 -1.00 -13.50
N PHE B 42 17.60 -1.68 -13.34
CA PHE B 42 17.42 -3.15 -13.52
C PHE B 42 16.74 -3.33 -14.90
N LYS B 43 17.55 -3.54 -15.95
CA LYS B 43 17.19 -3.40 -17.39
C LYS B 43 16.96 -4.78 -18.04
N VAL B 44 16.16 -4.80 -19.12
CA VAL B 44 16.16 -5.85 -20.20
C VAL B 44 16.73 -5.20 -21.46
N ILE B 50 13.71 -1.03 -18.77
CA ILE B 50 14.05 -0.79 -17.33
C ILE B 50 12.86 -1.18 -16.42
N ALA B 51 12.97 -2.30 -15.69
CA ALA B 51 11.91 -2.79 -14.79
C ALA B 51 11.91 -2.01 -13.47
N LEU B 52 13.08 -1.52 -13.05
CA LEU B 52 13.18 -0.73 -11.80
C LEU B 52 14.31 0.28 -11.98
N HIS B 53 13.96 1.57 -11.97
CA HIS B 53 14.86 2.74 -11.98
C HIS B 53 14.78 3.41 -10.61
N ILE B 54 15.91 3.47 -9.90
CA ILE B 54 16.08 4.24 -8.64
C ILE B 54 16.94 5.47 -8.96
N ASN B 55 16.43 6.66 -8.60
CA ASN B 55 17.06 7.96 -8.95
C ASN B 55 17.07 8.89 -7.73
N PRO B 56 17.97 8.70 -6.75
CA PRO B 56 18.19 9.73 -5.74
C PRO B 56 18.64 11.06 -6.35
N ARG B 57 17.98 12.16 -5.98
CA ARG B 57 18.22 13.52 -6.53
C ARG B 57 18.45 14.49 -5.38
N MET B 58 19.66 15.06 -5.31
CA MET B 58 20.13 15.75 -4.08
C MET B 58 19.50 17.15 -3.97
N GLY B 59 19.14 17.80 -5.07
CA GLY B 59 18.56 19.16 -5.05
C GLY B 59 17.32 19.21 -4.18
N ASN B 60 16.43 18.22 -4.30
CA ASN B 60 15.09 18.26 -3.64
C ASN B 60 14.97 17.09 -2.66
N GLY B 61 16.07 16.36 -2.42
CA GLY B 61 16.18 15.21 -1.52
C GLY B 61 15.08 14.20 -1.81
N THR B 62 14.97 13.72 -3.06
CA THR B 62 13.92 12.77 -3.50
C THR B 62 14.58 11.44 -3.88
N VAL B 63 13.85 10.33 -3.68
CA VAL B 63 14.22 8.98 -4.17
C VAL B 63 13.12 8.52 -5.11
N VAL B 64 13.30 8.78 -6.39
CA VAL B 64 12.27 8.63 -7.44
C VAL B 64 12.35 7.21 -7.99
N ARG B 65 11.26 6.42 -7.92
CA ARG B 65 11.25 5.06 -8.53
C ARG B 65 10.28 5.05 -9.72
N ASN B 66 10.68 4.38 -10.79
CA ASN B 66 9.82 4.27 -12.00
C ASN B 66 10.25 3.04 -12.80
N SER B 67 9.46 2.70 -13.82
CA SER B 67 9.74 1.68 -14.87
C SER B 67 9.65 2.36 -16.23
N LEU B 68 10.67 2.18 -17.08
CA LEU B 68 10.67 2.57 -18.51
C LEU B 68 10.36 1.32 -19.34
N LEU B 69 9.12 1.17 -19.74
CA LEU B 69 8.65 0.00 -20.53
C LEU B 69 8.15 0.49 -21.91
N ASN B 70 9.12 0.64 -22.85
CA ASN B 70 8.98 0.83 -24.32
C ASN B 70 8.96 2.32 -24.68
N GLY B 71 9.96 3.09 -24.20
CA GLY B 71 10.08 4.55 -24.39
C GLY B 71 9.11 5.35 -23.54
N SER B 72 8.39 4.70 -22.60
CA SER B 72 7.35 5.32 -21.73
C SER B 72 7.72 5.18 -20.23
N TRP B 73 7.85 6.32 -19.52
CA TRP B 73 8.04 6.40 -18.04
C TRP B 73 6.69 6.24 -17.36
N GLY B 74 6.61 5.38 -16.34
CA GLY B 74 5.37 5.05 -15.62
C GLY B 74 4.98 6.13 -14.61
N SER B 75 4.08 5.77 -13.71
CA SER B 75 3.77 6.57 -12.51
C SER B 75 5.01 6.57 -11.58
N GLU B 76 5.43 7.75 -11.11
CA GLU B 76 6.62 7.95 -10.26
C GLU B 76 6.25 7.56 -8.83
N GLU B 77 7.08 6.75 -8.19
CA GLU B 77 6.90 6.45 -6.75
C GLU B 77 7.98 7.23 -5.98
N LYS B 78 7.60 8.01 -4.99
CA LYS B 78 8.49 8.95 -4.27
C LYS B 78 8.40 8.80 -2.75
N LYS B 79 7.41 8.06 -2.21
CA LYS B 79 7.13 8.00 -0.75
C LYS B 79 8.35 7.35 -0.06
N ILE B 80 8.86 7.94 1.01
CA ILE B 80 9.93 7.33 1.84
C ILE B 80 9.64 7.75 3.27
N THR B 81 10.28 7.07 4.21
CA THR B 81 10.37 7.47 5.64
C THR B 81 11.75 8.07 5.92
N HIS B 82 12.72 7.90 5.03
CA HIS B 82 14.08 8.45 5.28
C HIS B 82 14.82 8.54 3.94
N ASN B 83 15.74 9.51 3.85
CA ASN B 83 16.59 9.76 2.67
C ASN B 83 18.05 9.53 3.03
N PRO B 84 18.63 8.35 2.72
CA PRO B 84 20.00 8.03 3.16
C PRO B 84 21.03 8.53 2.12
N PHE B 85 20.61 9.35 1.17
CA PHE B 85 21.42 9.79 0.01
C PHE B 85 21.80 11.26 0.11
N GLY B 86 21.86 11.85 1.31
CA GLY B 86 22.32 13.24 1.46
C GLY B 86 23.74 13.41 0.89
N PRO B 87 24.17 14.62 0.49
CA PRO B 87 25.57 14.84 0.10
C PRO B 87 26.61 14.39 1.16
N GLY B 88 27.70 13.73 0.73
CA GLY B 88 28.81 13.31 1.61
C GLY B 88 28.49 12.08 2.46
N GLN B 89 27.36 11.41 2.18
CA GLN B 89 26.88 10.20 2.92
C GLN B 89 27.36 8.93 2.20
N PHE B 90 27.82 7.99 3.01
CA PHE B 90 28.00 6.56 2.65
C PHE B 90 26.65 5.86 2.76
N PHE B 91 26.40 4.86 1.93
CA PHE B 91 25.17 4.06 2.00
C PHE B 91 25.45 2.61 1.65
N ASP B 92 24.63 1.72 2.21
CA ASP B 92 24.66 0.25 2.00
C ASP B 92 23.28 -0.19 1.55
N LEU B 93 23.11 -0.42 0.25
CA LEU B 93 21.82 -0.74 -0.40
C LEU B 93 21.69 -2.25 -0.54
N SER B 94 20.58 -2.79 -0.08
CA SER B 94 20.18 -4.20 -0.31
C SER B 94 18.91 -4.17 -1.16
N ILE B 95 18.92 -4.87 -2.29
CA ILE B 95 17.78 -4.91 -3.26
C ILE B 95 17.41 -6.38 -3.49
N ARG B 96 16.29 -6.84 -2.93
CA ARG B 96 15.79 -8.24 -3.14
C ARG B 96 14.65 -8.17 -4.16
N CYS B 97 14.73 -8.97 -5.22
CA CYS B 97 13.60 -9.23 -6.13
C CYS B 97 12.61 -10.16 -5.45
N GLY B 98 11.46 -9.64 -5.03
CA GLY B 98 10.39 -10.43 -4.41
C GLY B 98 9.52 -11.08 -5.46
N LEU B 99 8.60 -11.95 -5.03
CA LEU B 99 7.64 -12.63 -5.92
C LEU B 99 6.78 -11.55 -6.59
N ASP B 100 6.36 -10.55 -5.81
CA ASP B 100 5.38 -9.52 -6.23
C ASP B 100 5.95 -8.11 -6.04
N ARG B 101 7.20 -7.96 -5.60
CA ARG B 101 7.80 -6.61 -5.42
C ARG B 101 9.31 -6.70 -5.20
N PHE B 102 10.05 -5.72 -5.72
CA PHE B 102 11.40 -5.40 -5.23
C PHE B 102 11.23 -4.90 -3.79
N LYS B 103 12.05 -5.41 -2.85
CA LYS B 103 12.14 -4.92 -1.45
C LYS B 103 13.54 -4.33 -1.31
N VAL B 104 13.63 -3.03 -0.94
CA VAL B 104 14.92 -2.28 -0.88
C VAL B 104 15.15 -1.72 0.52
N TYR B 105 16.29 -2.05 1.11
CA TYR B 105 16.72 -1.55 2.43
C TYR B 105 17.94 -0.67 2.24
N ALA B 106 18.11 0.32 3.12
CA ALA B 106 19.27 1.21 3.12
C ALA B 106 19.84 1.20 4.53
N ASN B 107 21.09 0.79 4.67
CA ASN B 107 21.76 0.76 6.00
C ASN B 107 20.92 -0.13 6.92
N GLY B 108 20.40 -1.25 6.39
CA GLY B 108 19.61 -2.22 7.17
C GLY B 108 18.18 -1.79 7.41
N GLN B 109 17.78 -0.57 7.03
CA GLN B 109 16.40 -0.08 7.29
C GLN B 109 15.61 -0.13 5.99
N HIS B 110 14.37 -0.59 6.07
CA HIS B 110 13.45 -0.60 4.91
C HIS B 110 13.47 0.81 4.29
N LEU B 111 13.60 0.88 2.96
CA LEU B 111 13.57 2.16 2.24
C LEU B 111 12.29 2.21 1.41
N PHE B 112 12.08 1.26 0.52
CA PHE B 112 10.80 1.12 -0.24
C PHE B 112 10.63 -0.31 -0.78
N ASP B 113 9.37 -0.59 -1.15
CA ASP B 113 8.90 -1.69 -2.00
C ASP B 113 8.49 -1.08 -3.35
N PHE B 114 8.79 -1.78 -4.45
CA PHE B 114 8.31 -1.43 -5.81
C PHE B 114 7.64 -2.67 -6.41
N ALA B 115 6.32 -2.65 -6.52
CA ALA B 115 5.53 -3.74 -7.14
C ALA B 115 5.94 -3.86 -8.60
N HIS B 116 6.18 -5.09 -9.04
CA HIS B 116 6.52 -5.43 -10.44
C HIS B 116 5.48 -4.83 -11.38
N ARG B 117 5.97 -4.03 -12.33
CA ARG B 117 5.21 -3.54 -13.50
C ARG B 117 5.54 -4.47 -14.65
N LEU B 118 6.81 -4.83 -14.80
CA LEU B 118 7.32 -5.96 -15.62
C LEU B 118 7.14 -7.26 -14.84
N SER B 119 6.11 -8.03 -15.19
CA SER B 119 5.58 -9.19 -14.44
C SER B 119 6.55 -10.38 -14.55
N ALA B 120 7.13 -10.55 -15.75
CA ALA B 120 8.14 -11.58 -16.07
C ALA B 120 9.51 -11.00 -15.74
N PHE B 121 9.86 -10.95 -14.45
CA PHE B 121 11.06 -10.21 -13.96
C PHE B 121 12.33 -11.01 -14.33
N GLN B 122 12.21 -12.33 -14.54
CA GLN B 122 13.30 -13.21 -15.06
C GLN B 122 13.98 -12.55 -16.28
N ARG B 123 13.27 -11.67 -16.99
CA ARG B 123 13.78 -11.03 -18.24
CA ARG B 123 13.74 -11.01 -18.24
C ARG B 123 14.79 -9.93 -17.90
N VAL B 124 14.84 -9.49 -16.64
CA VAL B 124 15.84 -8.46 -16.21
C VAL B 124 17.19 -9.17 -16.10
N ASP B 125 18.18 -8.70 -16.87
CA ASP B 125 19.47 -9.42 -17.08
C ASP B 125 20.66 -8.48 -16.90
N THR B 126 20.42 -7.19 -16.67
CA THR B 126 21.48 -6.13 -16.68
C THR B 126 21.29 -5.16 -15.49
N LEU B 127 22.36 -4.94 -14.73
CA LEU B 127 22.39 -3.86 -13.73
C LEU B 127 23.32 -2.73 -14.21
N GLU B 128 22.83 -1.51 -14.13
CA GLU B 128 23.56 -0.27 -14.51
C GLU B 128 23.53 0.71 -13.34
N ILE B 129 24.61 1.45 -13.14
CA ILE B 129 24.67 2.56 -12.17
C ILE B 129 25.38 3.70 -12.86
N GLN B 130 24.84 4.92 -12.79
CA GLN B 130 25.50 6.08 -13.45
C GLN B 130 25.12 7.39 -12.76
N GLY B 131 25.85 8.44 -13.11
CA GLY B 131 25.68 9.79 -12.57
C GLY B 131 26.53 9.95 -11.32
N ASP B 132 26.11 10.82 -10.41
CA ASP B 132 26.96 11.39 -9.33
C ASP B 132 26.98 10.43 -8.13
N VAL B 133 27.72 9.32 -8.27
CA VAL B 133 27.90 8.29 -7.20
C VAL B 133 29.29 7.63 -7.32
N THR B 134 29.95 7.37 -6.20
CA THR B 134 31.20 6.56 -6.17
C THR B 134 30.90 5.26 -5.44
N LEU B 135 31.23 4.13 -6.07
CA LEU B 135 30.90 2.75 -5.63
C LEU B 135 32.10 2.16 -4.90
N SER B 136 31.94 1.76 -3.63
CA SER B 136 32.99 1.00 -2.87
C SER B 136 32.90 -0.51 -3.18
N TYR B 137 31.68 -1.07 -3.33
CA TYR B 137 31.43 -2.54 -3.46
C TYR B 137 30.07 -2.75 -4.11
N VAL B 138 30.00 -3.60 -5.12
CA VAL B 138 28.77 -4.02 -5.83
C VAL B 138 28.79 -5.55 -5.95
N GLN B 139 27.87 -6.28 -5.33
CA GLN B 139 27.74 -7.76 -5.49
C GLN B 139 26.46 -8.07 -6.25
N ILE B 140 26.63 -8.74 -7.39
CA ILE B 140 25.56 -9.36 -8.23
C ILE B 140 25.69 -10.89 -8.08
N PRO C 2 4.08 42.49 10.44
CA PRO C 2 5.31 42.44 9.64
C PRO C 2 6.27 41.33 10.08
N PRO C 3 7.10 40.80 9.16
CA PRO C 3 7.97 39.67 9.48
C PRO C 3 8.98 40.01 10.58
N THR C 4 9.48 38.99 11.27
CA THR C 4 10.70 39.06 12.12
C THR C 4 11.87 38.66 11.23
N PHE C 5 12.82 39.57 11.05
CA PHE C 5 14.07 39.41 10.27
C PHE C 5 15.19 38.97 11.22
N ASN C 6 15.92 37.94 10.82
CA ASN C 6 17.14 37.36 11.43
C ASN C 6 16.89 37.07 12.91
N PRO C 7 15.81 36.36 13.32
CA PRO C 7 15.60 36.03 14.73
C PRO C 7 16.64 35.00 15.17
N PRO C 8 17.19 35.11 16.41
CA PRO C 8 18.16 34.13 16.89
C PRO C 8 17.50 32.77 17.18
N VAL C 9 18.36 31.76 17.32
CA VAL C 9 18.01 30.38 17.75
C VAL C 9 18.72 30.18 19.06
N PRO C 10 18.10 29.66 20.12
CA PRO C 10 16.68 29.29 20.10
C PRO C 10 15.68 30.48 20.00
N TYR C 11 14.58 30.30 19.25
CA TYR C 11 13.50 31.30 18.98
C TYR C 11 12.21 30.90 19.72
N PHE C 12 11.57 31.83 20.44
CA PHE C 12 10.31 31.58 21.20
C PHE C 12 9.26 32.63 20.82
N GLY C 13 8.65 32.49 19.64
CA GLY C 13 7.72 33.47 19.04
C GLY C 13 6.32 33.41 19.65
N ARG C 14 5.81 34.54 20.08
CA ARG C 14 4.42 34.69 20.60
C ARG C 14 3.47 34.54 19.42
N LEU C 15 2.35 33.84 19.61
CA LEU C 15 1.19 33.78 18.68
C LEU C 15 0.02 34.49 19.39
N GLN C 16 -0.16 35.79 19.11
CA GLN C 16 -0.92 36.76 19.97
C GLN C 16 -2.13 36.10 20.63
N GLY C 17 -3.24 35.92 19.90
CA GLY C 17 -4.46 35.37 20.50
C GLY C 17 -4.49 33.85 20.41
N GLY C 18 -3.33 33.20 20.32
CA GLY C 18 -3.22 31.76 20.10
C GLY C 18 -3.23 31.41 18.61
N LEU C 19 -2.72 30.21 18.28
CA LEU C 19 -2.74 29.60 16.93
C LEU C 19 -4.15 29.70 16.36
N THR C 20 -4.28 30.21 15.13
CA THR C 20 -5.59 30.54 14.51
C THR C 20 -5.73 29.80 13.17
N ALA C 21 -6.87 29.14 12.95
CA ALA C 21 -7.27 28.54 11.65
C ALA C 21 -7.12 29.54 10.49
N ARG C 22 -6.77 29.06 9.29
CA ARG C 22 -6.71 29.79 7.98
C ARG C 22 -5.56 30.82 7.94
N ARG C 23 -4.72 30.88 8.97
CA ARG C 23 -3.53 31.78 9.02
C ARG C 23 -2.30 30.93 8.69
N THR C 24 -1.43 31.41 7.82
CA THR C 24 -0.27 30.65 7.33
C THR C 24 1.00 31.33 7.86
N ILE C 25 1.76 30.60 8.67
CA ILE C 25 3.12 30.94 9.18
C ILE C 25 4.18 30.64 8.12
N ILE C 26 5.14 31.55 7.99
CA ILE C 26 6.26 31.46 7.02
C ILE C 26 7.55 31.45 7.83
N ILE C 27 8.41 30.44 7.60
CA ILE C 27 9.79 30.32 8.16
C ILE C 27 10.78 30.13 7.01
N LYS C 28 11.74 31.03 6.87
CA LYS C 28 12.94 30.85 6.01
C LYS C 28 14.14 30.56 6.92
N GLY C 29 14.89 29.52 6.57
CA GLY C 29 15.98 29.00 7.40
C GLY C 29 17.12 28.47 6.56
N TYR C 30 18.20 28.14 7.24
CA TYR C 30 19.37 27.52 6.61
C TYR C 30 19.77 26.37 7.53
N VAL C 31 20.03 25.19 6.94
CA VAL C 31 20.60 24.06 7.72
C VAL C 31 22.10 24.11 7.54
N PRO C 32 22.91 24.36 8.59
CA PRO C 32 24.37 24.39 8.45
C PRO C 32 24.92 23.07 7.89
N PRO C 33 26.13 23.09 7.27
CA PRO C 33 26.68 21.89 6.66
C PRO C 33 27.07 20.83 7.72
N THR C 34 27.32 21.23 8.98
CA THR C 34 27.61 20.29 10.11
C THR C 34 26.39 20.07 11.01
N GLY C 35 25.25 20.68 10.70
CA GLY C 35 23.99 20.47 11.45
C GLY C 35 23.61 19.00 11.51
N LYS C 36 23.08 18.55 12.63
CA LYS C 36 22.56 17.17 12.84
C LYS C 36 21.03 17.24 12.86
N SER C 37 20.43 18.20 13.59
CA SER C 37 18.97 18.31 13.72
C SER C 37 18.54 19.63 14.34
N PHE C 38 17.31 20.00 14.02
CA PHE C 38 16.56 21.13 14.61
C PHE C 38 15.10 20.70 14.77
N ALA C 39 14.35 21.46 15.55
CA ALA C 39 12.94 21.19 15.86
C ALA C 39 12.15 22.50 15.77
N ILE C 40 11.00 22.42 15.13
CA ILE C 40 9.92 23.44 15.18
C ILE C 40 8.85 22.83 16.08
N ASN C 41 8.42 23.56 17.12
CA ASN C 41 7.43 23.09 18.13
C ASN C 41 6.36 24.17 18.28
N PHE C 42 5.10 23.79 18.07
CA PHE C 42 3.89 24.56 18.43
C PHE C 42 3.56 24.17 19.87
N LYS C 43 3.91 25.04 20.83
CA LYS C 43 3.85 24.82 22.31
C LYS C 43 2.67 25.59 22.91
N VAL C 44 2.07 25.00 23.93
CA VAL C 44 1.20 25.62 24.97
C VAL C 44 2.13 26.09 26.09
N GLY C 45 2.43 27.39 26.17
CA GLY C 45 3.40 27.96 27.13
C GLY C 45 3.24 27.38 28.53
N SER C 46 2.01 27.24 29.02
CA SER C 46 1.69 26.85 30.42
C SER C 46 2.06 25.38 30.69
N SER C 47 1.58 24.43 29.88
CA SER C 47 1.68 22.96 30.09
C SER C 47 2.99 22.38 29.51
N GLY C 48 3.52 22.92 28.41
CA GLY C 48 4.70 22.38 27.72
C GLY C 48 4.30 21.42 26.60
N ASP C 49 3.00 21.10 26.56
CA ASP C 49 2.30 20.34 25.49
C ASP C 49 2.65 20.89 24.11
N ILE C 50 3.06 20.02 23.19
CA ILE C 50 3.43 20.41 21.80
C ILE C 50 2.36 19.79 20.90
N ALA C 51 1.56 20.65 20.27
CA ALA C 51 0.48 20.20 19.35
C ALA C 51 1.13 19.58 18.12
N LEU C 52 2.23 20.20 17.67
CA LEU C 52 2.96 19.78 16.45
C LEU C 52 4.45 20.04 16.67
N HIS C 53 5.21 18.94 16.62
CA HIS C 53 6.69 18.86 16.73
C HIS C 53 7.20 18.50 15.34
N ILE C 54 8.09 19.32 14.79
CA ILE C 54 8.66 19.04 13.46
C ILE C 54 10.15 19.02 13.65
N ASN C 55 10.79 17.91 13.30
CA ASN C 55 12.15 17.56 13.73
C ASN C 55 12.89 16.95 12.55
N PRO C 56 13.46 17.76 11.66
CA PRO C 56 14.31 17.23 10.61
C PRO C 56 15.65 16.76 11.18
N ARG C 57 16.10 15.56 10.78
CA ARG C 57 17.35 14.91 11.26
C ARG C 57 18.24 14.69 10.04
N MET C 58 19.34 15.44 9.95
CA MET C 58 20.28 15.40 8.80
C MET C 58 20.99 14.04 8.73
N GLY C 59 21.38 13.45 9.88
CA GLY C 59 21.99 12.11 9.98
C GLY C 59 21.31 11.09 9.08
N ASN C 60 19.99 10.92 9.20
CA ASN C 60 19.27 9.84 8.46
C ASN C 60 18.38 10.46 7.35
N GLY C 61 18.31 11.79 7.23
CA GLY C 61 17.45 12.48 6.24
C GLY C 61 15.98 12.14 6.51
N THR C 62 15.56 12.29 7.78
CA THR C 62 14.20 12.07 8.28
C THR C 62 13.58 13.43 8.61
N VAL C 63 12.26 13.49 8.54
CA VAL C 63 11.37 14.60 8.97
C VAL C 63 10.27 13.94 9.82
N VAL C 64 10.57 13.81 11.12
CA VAL C 64 9.67 13.26 12.17
C VAL C 64 8.68 14.36 12.61
N ARG C 65 7.41 13.97 12.70
CA ARG C 65 6.30 14.75 13.27
C ARG C 65 5.72 13.96 14.45
N ASN C 66 5.30 14.66 15.50
CA ASN C 66 4.72 14.03 16.71
C ASN C 66 4.03 15.11 17.52
N SER C 67 3.32 14.70 18.57
CA SER C 67 2.75 15.58 19.64
C SER C 67 3.24 15.08 21.00
N LEU C 68 3.45 16.01 21.94
CA LEU C 68 3.72 15.70 23.37
C LEU C 68 2.48 16.15 24.13
N LEU C 69 1.64 15.20 24.53
CA LEU C 69 0.32 15.47 25.15
C LEU C 69 0.29 14.75 26.50
N ASN C 70 0.47 15.52 27.59
CA ASN C 70 0.32 15.04 28.99
C ASN C 70 1.54 14.20 29.34
N GLY C 71 2.74 14.69 29.01
CA GLY C 71 4.03 14.03 29.32
C GLY C 71 4.31 12.80 28.45
N SER C 72 3.51 12.51 27.41
CA SER C 72 3.72 11.36 26.48
C SER C 72 3.75 11.83 25.03
N TRP C 73 4.76 11.39 24.30
CA TRP C 73 4.77 11.40 22.81
C TRP C 73 3.68 10.44 22.33
N GLY C 74 2.98 10.79 21.25
CA GLY C 74 2.24 9.81 20.43
C GLY C 74 3.14 9.18 19.39
N SER C 75 2.54 8.68 18.30
CA SER C 75 3.25 7.92 17.23
C SER C 75 3.84 8.90 16.22
N GLU C 76 5.11 8.69 15.87
CA GLU C 76 5.84 9.52 14.88
C GLU C 76 5.16 9.34 13.53
N GLU C 77 5.05 10.43 12.77
CA GLU C 77 4.75 10.37 11.32
C GLU C 77 6.02 10.81 10.58
N LYS C 78 6.50 10.02 9.61
CA LYS C 78 7.78 10.26 8.92
C LYS C 78 7.56 10.35 7.41
N LYS C 79 6.41 9.89 6.89
CA LYS C 79 6.17 9.75 5.44
C LYS C 79 6.39 11.11 4.75
N ILE C 80 7.27 11.13 3.75
CA ILE C 80 7.53 12.29 2.84
C ILE C 80 7.72 11.79 1.41
N THR C 81 7.59 12.67 0.43
CA THR C 81 7.98 12.41 -0.98
C THR C 81 9.24 13.23 -1.32
N HIS C 82 9.79 14.00 -0.39
CA HIS C 82 10.98 14.87 -0.65
C HIS C 82 11.47 15.44 0.70
N ASN C 83 12.78 15.61 0.81
CA ASN C 83 13.44 16.16 2.02
C ASN C 83 14.13 17.46 1.63
N PRO C 84 13.59 18.66 1.97
CA PRO C 84 14.24 19.94 1.63
C PRO C 84 15.29 20.41 2.67
N PHE C 85 15.63 19.57 3.65
CA PHE C 85 16.41 19.95 4.85
C PHE C 85 17.88 19.49 4.82
N GLY C 86 18.48 19.32 3.65
CA GLY C 86 19.86 18.81 3.54
C GLY C 86 20.87 19.79 4.10
N PRO C 87 22.06 19.35 4.57
CA PRO C 87 23.07 20.28 5.11
C PRO C 87 23.50 21.36 4.11
N GLY C 88 23.70 22.59 4.61
CA GLY C 88 24.02 23.77 3.78
C GLY C 88 22.92 24.16 2.81
N GLN C 89 21.67 23.74 3.06
CA GLN C 89 20.50 24.09 2.20
C GLN C 89 19.66 25.19 2.85
N PHE C 90 19.13 26.09 2.02
CA PHE C 90 18.04 27.01 2.42
C PHE C 90 16.71 26.32 2.17
N PHE C 91 15.69 26.72 2.95
CA PHE C 91 14.32 26.16 2.90
C PHE C 91 13.33 27.29 3.17
N ASP C 92 12.26 27.35 2.38
CA ASP C 92 11.09 28.23 2.58
C ASP C 92 9.88 27.40 3.03
N LEU C 93 9.74 27.26 4.33
CA LEU C 93 8.66 26.43 4.95
C LEU C 93 7.43 27.31 5.13
N SER C 94 6.25 26.78 4.86
CA SER C 94 4.98 27.45 5.23
C SER C 94 4.16 26.43 6.00
N ILE C 95 3.43 26.90 7.01
CA ILE C 95 2.62 26.06 7.93
C ILE C 95 1.27 26.73 8.04
N ARG C 96 0.28 26.21 7.34
CA ARG C 96 -1.12 26.67 7.38
C ARG C 96 -1.83 25.84 8.45
N CYS C 97 -2.54 26.51 9.34
CA CYS C 97 -3.40 25.83 10.35
C CYS C 97 -4.82 25.70 9.78
N GLY C 98 -5.28 24.48 9.59
CA GLY C 98 -6.64 24.15 9.19
C GLY C 98 -7.46 23.75 10.39
N LEU C 99 -8.78 23.70 10.23
CA LEU C 99 -9.70 23.25 11.28
C LEU C 99 -9.36 21.81 11.65
N ASP C 100 -9.05 20.98 10.65
CA ASP C 100 -8.88 19.51 10.82
C ASP C 100 -7.39 19.12 10.80
N ARG C 101 -6.49 19.97 10.30
CA ARG C 101 -5.08 19.58 10.05
C ARG C 101 -4.15 20.79 9.93
N PHE C 102 -2.85 20.56 10.15
CA PHE C 102 -1.78 21.46 9.63
C PHE C 102 -1.41 20.97 8.23
N LYS C 103 -1.23 21.91 7.30
CA LYS C 103 -0.61 21.63 5.97
C LYS C 103 0.73 22.34 5.97
N VAL C 104 1.80 21.61 5.67
CA VAL C 104 3.20 22.13 5.69
C VAL C 104 3.74 21.97 4.27
N TYR C 105 4.35 23.05 3.77
CA TYR C 105 4.94 23.08 2.42
C TYR C 105 6.37 23.53 2.54
N ALA C 106 7.20 23.02 1.64
CA ALA C 106 8.60 23.41 1.47
C ALA C 106 8.82 23.75 0.01
N ASN C 107 9.24 24.99 -0.26
CA ASN C 107 9.72 25.46 -1.58
C ASN C 107 8.60 25.33 -2.62
N GLY C 108 7.40 25.74 -2.25
CA GLY C 108 6.19 25.60 -3.10
C GLY C 108 5.48 24.29 -2.87
N GLN C 109 6.21 23.28 -2.38
CA GLN C 109 5.85 21.86 -2.59
C GLN C 109 5.31 21.25 -1.30
N HIS C 110 4.10 20.72 -1.32
CA HIS C 110 3.49 20.07 -0.13
C HIS C 110 4.52 19.13 0.47
N LEU C 111 4.72 19.18 1.79
CA LEU C 111 5.67 18.27 2.48
C LEU C 111 4.87 17.23 3.28
N PHE C 112 3.91 17.65 4.11
CA PHE C 112 3.00 16.71 4.84
C PHE C 112 1.76 17.41 5.38
N ASP C 113 0.72 16.60 5.62
CA ASP C 113 -0.44 16.99 6.47
C ASP C 113 -0.19 16.39 7.86
N PHE C 114 -0.70 17.03 8.92
CA PHE C 114 -0.66 16.54 10.32
C PHE C 114 -2.00 16.83 10.97
N ALA C 115 -2.85 15.81 11.10
CA ALA C 115 -4.16 15.87 11.81
C ALA C 115 -3.96 16.43 13.21
N HIS C 116 -4.85 17.32 13.63
CA HIS C 116 -4.82 17.80 15.03
C HIS C 116 -4.93 16.59 15.96
N ARG C 117 -4.00 16.44 16.90
CA ARG C 117 -4.13 15.52 18.04
C ARG C 117 -4.61 16.32 19.27
N LEU C 118 -4.04 17.51 19.46
CA LEU C 118 -4.61 18.55 20.37
C LEU C 118 -5.70 19.28 19.58
N SER C 119 -6.95 19.02 19.97
CA SER C 119 -8.20 19.45 19.32
C SER C 119 -8.37 20.97 19.49
N ALA C 120 -8.07 21.48 20.68
CA ALA C 120 -8.11 22.91 21.05
C ALA C 120 -6.76 23.57 20.72
N PHE C 121 -6.41 23.63 19.44
CA PHE C 121 -5.09 24.15 18.97
C PHE C 121 -4.96 25.64 19.28
N GLN C 122 -6.08 26.35 19.46
CA GLN C 122 -6.10 27.79 19.84
C GLN C 122 -5.33 27.97 21.15
N ARG C 123 -5.09 26.88 21.89
CA ARG C 123 -4.24 26.85 23.11
C ARG C 123 -2.78 27.18 22.76
N VAL C 124 -2.35 26.84 21.55
CA VAL C 124 -0.92 26.99 21.16
C VAL C 124 -0.63 28.50 21.11
N ASP C 125 0.37 28.95 21.86
CA ASP C 125 0.75 30.38 21.94
C ASP C 125 2.23 30.59 21.62
N THR C 126 2.95 29.53 21.30
CA THR C 126 4.44 29.57 21.24
C THR C 126 4.88 28.83 19.99
N LEU C 127 5.58 29.54 19.12
CA LEU C 127 6.34 28.91 18.02
C LEU C 127 7.80 28.90 18.49
N GLU C 128 8.27 27.74 18.95
CA GLU C 128 9.67 27.57 19.38
C GLU C 128 10.44 26.86 18.26
N ILE C 129 11.61 27.42 17.90
CA ILE C 129 12.61 26.78 17.01
C ILE C 129 13.91 26.60 17.80
N GLN C 130 14.49 25.40 17.78
CA GLN C 130 15.81 25.12 18.40
C GLN C 130 16.61 24.14 17.57
N GLY C 131 17.92 24.17 17.78
CA GLY C 131 18.86 23.21 17.21
C GLY C 131 19.69 23.83 16.10
N ASP C 132 20.08 22.98 15.15
CA ASP C 132 21.11 23.29 14.12
C ASP C 132 20.41 23.91 12.92
N VAL C 133 20.02 25.17 13.06
CA VAL C 133 19.37 25.97 12.00
C VAL C 133 19.70 27.45 12.21
N THR C 134 19.84 28.21 11.13
CA THR C 134 19.81 29.69 11.14
C THR C 134 18.52 30.16 10.44
N LEU C 135 17.76 31.03 11.11
CA LEU C 135 16.50 31.68 10.62
C LEU C 135 16.80 33.03 9.96
N SER C 136 16.28 33.23 8.74
CA SER C 136 16.33 34.45 7.89
C SER C 136 15.14 35.40 8.21
N TYR C 137 13.98 34.84 8.53
CA TYR C 137 12.67 35.47 8.35
C TYR C 137 11.66 34.53 9.00
N VAL C 138 10.90 35.01 9.98
CA VAL C 138 9.70 34.34 10.53
C VAL C 138 8.55 35.32 10.31
N GLN C 139 7.49 34.97 9.57
CA GLN C 139 6.28 35.82 9.53
C GLN C 139 5.10 34.96 9.96
N ILE C 140 4.41 35.37 11.01
CA ILE C 140 3.15 34.70 11.45
C ILE C 140 2.04 35.11 10.48
N GLY D 1 -15.68 -31.57 -28.34
CA GLY D 1 -17.15 -31.45 -28.41
C GLY D 1 -17.81 -31.73 -27.06
N PRO D 2 -18.10 -33.02 -26.72
CA PRO D 2 -18.94 -33.37 -25.58
C PRO D 2 -18.22 -33.18 -24.26
N PRO D 3 -18.88 -32.64 -23.21
CA PRO D 3 -18.23 -32.49 -21.91
C PRO D 3 -17.84 -33.83 -21.25
N THR D 4 -16.85 -33.81 -20.36
CA THR D 4 -16.48 -34.93 -19.45
C THR D 4 -17.27 -34.74 -18.16
N PHE D 5 -18.14 -35.70 -17.82
CA PHE D 5 -19.00 -35.64 -16.61
C PHE D 5 -18.24 -36.25 -15.42
N ASN D 6 -18.27 -35.55 -14.28
CA ASN D 6 -17.73 -36.01 -12.97
C ASN D 6 -16.32 -36.56 -13.11
N PRO D 7 -15.35 -35.88 -13.80
CA PRO D 7 -13.99 -36.41 -13.90
C PRO D 7 -13.29 -36.43 -12.55
N PRO D 8 -12.41 -37.42 -12.23
CA PRO D 8 -11.78 -37.48 -10.91
C PRO D 8 -10.75 -36.35 -10.75
N VAL D 9 -10.31 -36.11 -9.53
CA VAL D 9 -9.20 -35.17 -9.20
C VAL D 9 -8.13 -35.99 -8.50
N PRO D 10 -6.84 -35.90 -8.91
CA PRO D 10 -6.39 -34.94 -9.93
C PRO D 10 -6.85 -35.22 -11.36
N TYR D 11 -7.18 -34.16 -12.11
CA TYR D 11 -7.68 -34.24 -13.50
C TYR D 11 -6.58 -33.72 -14.45
N PHE D 12 -6.36 -34.45 -15.56
CA PHE D 12 -5.40 -34.10 -16.64
C PHE D 12 -6.13 -34.18 -17.98
N GLY D 13 -6.73 -33.07 -18.41
CA GLY D 13 -7.45 -32.94 -19.69
C GLY D 13 -6.50 -32.55 -20.82
N ARG D 14 -6.57 -33.22 -21.96
CA ARG D 14 -5.70 -32.99 -23.13
C ARG D 14 -6.35 -31.93 -24.04
N LEU D 15 -5.59 -30.91 -24.43
CA LEU D 15 -6.02 -29.84 -25.38
C LEU D 15 -5.42 -30.17 -26.75
N GLN D 16 -6.02 -31.14 -27.44
CA GLN D 16 -5.59 -31.65 -28.77
C GLN D 16 -5.32 -30.48 -29.71
N GLY D 17 -4.09 -30.38 -30.21
CA GLY D 17 -3.61 -29.34 -31.12
C GLY D 17 -3.20 -28.07 -30.37
N GLY D 18 -3.45 -28.01 -29.06
CA GLY D 18 -3.08 -26.89 -28.17
C GLY D 18 -4.21 -25.92 -27.87
N LEU D 19 -4.04 -25.17 -26.80
CA LEU D 19 -4.88 -24.00 -26.47
C LEU D 19 -5.00 -23.11 -27.71
N THR D 20 -6.22 -22.77 -28.14
CA THR D 20 -6.44 -21.83 -29.27
C THR D 20 -7.34 -20.67 -28.83
N ALA D 21 -6.99 -19.47 -29.30
CA ALA D 21 -7.75 -18.23 -29.11
C ALA D 21 -9.23 -18.45 -29.50
N ARG D 22 -10.16 -17.80 -28.75
CA ARG D 22 -11.64 -17.74 -28.97
C ARG D 22 -12.36 -19.06 -28.63
N ARG D 23 -11.65 -20.04 -28.06
CA ARG D 23 -12.28 -21.25 -27.47
C ARG D 23 -12.45 -20.98 -25.97
N THR D 24 -13.61 -21.33 -25.43
CA THR D 24 -13.98 -21.12 -24.01
C THR D 24 -14.11 -22.50 -23.34
N ILE D 25 -13.25 -22.75 -22.36
CA ILE D 25 -13.29 -23.91 -21.45
C ILE D 25 -14.26 -23.61 -20.29
N ILE D 26 -15.16 -24.57 -20.07
N ILE D 26 -15.22 -24.51 -20.05
CA ILE D 26 -16.16 -24.59 -18.97
CA ILE D 26 -16.12 -24.40 -18.88
C ILE D 26 -15.65 -25.59 -17.92
C ILE D 26 -15.77 -25.54 -17.91
N ILE D 27 -15.56 -25.15 -16.66
CA ILE D 27 -15.27 -26.04 -15.49
C ILE D 27 -16.37 -25.75 -14.49
N LYS D 28 -17.23 -26.74 -14.21
CA LYS D 28 -18.18 -26.71 -13.06
C LYS D 28 -17.64 -27.61 -11.93
N GLY D 29 -17.60 -27.06 -10.72
CA GLY D 29 -17.04 -27.78 -9.56
C GLY D 29 -17.62 -27.33 -8.24
N TYR D 30 -17.11 -27.95 -7.19
CA TYR D 30 -17.63 -27.87 -5.82
C TYR D 30 -16.42 -27.84 -4.90
N VAL D 31 -16.37 -26.83 -4.01
CA VAL D 31 -15.32 -26.74 -2.97
C VAL D 31 -15.85 -27.42 -1.71
N PRO D 32 -15.23 -28.50 -1.21
CA PRO D 32 -15.71 -29.20 -0.02
C PRO D 32 -15.72 -28.28 1.21
N PRO D 33 -16.53 -28.59 2.24
CA PRO D 33 -16.49 -27.86 3.50
C PRO D 33 -15.07 -27.78 4.10
N THR D 34 -14.31 -28.88 4.09
CA THR D 34 -13.03 -28.97 4.84
C THR D 34 -11.86 -28.48 3.99
N GLY D 35 -12.13 -27.98 2.77
CA GLY D 35 -11.16 -27.68 1.72
C GLY D 35 -10.31 -26.48 2.08
N LYS D 36 -9.06 -26.46 1.62
CA LYS D 36 -8.08 -25.41 1.97
C LYS D 36 -7.58 -24.74 0.70
N SER D 37 -7.44 -25.49 -0.39
CA SER D 37 -6.97 -24.93 -1.69
C SER D 37 -7.13 -25.93 -2.82
N PHE D 38 -7.31 -25.40 -4.04
CA PHE D 38 -7.10 -26.16 -5.30
C PHE D 38 -6.42 -25.27 -6.35
N ALA D 39 -6.07 -25.90 -7.46
CA ALA D 39 -5.31 -25.27 -8.53
C ALA D 39 -5.84 -25.76 -9.87
N ILE D 40 -6.06 -24.82 -10.79
CA ILE D 40 -6.19 -25.06 -12.24
C ILE D 40 -4.91 -24.53 -12.89
N ASN D 41 -4.26 -25.37 -13.69
CA ASN D 41 -2.98 -25.08 -14.37
C ASN D 41 -3.11 -25.36 -15.86
N PHE D 42 -2.88 -24.34 -16.67
CA PHE D 42 -2.62 -24.46 -18.12
C PHE D 42 -1.13 -24.82 -18.30
N LYS D 43 -0.87 -26.12 -18.46
CA LYS D 43 0.48 -26.73 -18.45
C LYS D 43 0.96 -26.98 -19.88
N VAL D 44 2.26 -26.75 -20.12
CA VAL D 44 3.06 -27.30 -21.24
C VAL D 44 3.56 -28.67 -20.78
N GLY D 45 2.84 -29.74 -21.14
CA GLY D 45 2.98 -31.11 -20.61
C GLY D 45 4.39 -31.67 -20.68
N SER D 46 5.22 -31.21 -21.63
CA SER D 46 6.65 -31.55 -21.76
C SER D 46 7.45 -30.86 -20.65
N SER D 47 7.63 -29.53 -20.76
CA SER D 47 8.41 -28.67 -19.85
C SER D 47 7.92 -28.74 -18.39
N GLY D 48 6.60 -28.89 -18.18
CA GLY D 48 5.95 -28.72 -16.88
C GLY D 48 5.58 -27.26 -16.65
N ASP D 49 5.91 -26.39 -17.62
CA ASP D 49 5.62 -24.93 -17.63
C ASP D 49 4.11 -24.71 -17.49
N ILE D 50 3.72 -23.65 -16.77
CA ILE D 50 2.30 -23.31 -16.53
C ILE D 50 2.07 -21.89 -17.08
N ALA D 51 1.38 -21.83 -18.21
CA ALA D 51 1.05 -20.55 -18.88
C ALA D 51 0.20 -19.71 -17.94
N LEU D 52 -0.64 -20.39 -17.14
CA LEU D 52 -1.61 -19.76 -16.23
C LEU D 52 -1.98 -20.76 -15.15
N HIS D 53 -1.73 -20.35 -13.92
CA HIS D 53 -2.00 -21.03 -12.64
C HIS D 53 -3.09 -20.25 -11.93
N ILE D 54 -4.14 -20.94 -11.54
CA ILE D 54 -5.30 -20.36 -10.84
C ILE D 54 -5.40 -21.13 -9.54
N ASN D 55 -5.24 -20.45 -8.41
CA ASN D 55 -5.06 -21.07 -7.09
C ASN D 55 -5.99 -20.39 -6.08
N PRO D 56 -7.29 -20.76 -6.01
CA PRO D 56 -8.15 -20.31 -4.91
C PRO D 56 -7.79 -20.96 -3.56
N ARG D 57 -7.49 -20.16 -2.54
CA ARG D 57 -7.09 -20.58 -1.15
C ARG D 57 -8.19 -20.17 -0.18
N MET D 58 -8.97 -21.11 0.33
CA MET D 58 -10.11 -20.83 1.25
C MET D 58 -9.62 -20.17 2.54
N GLY D 59 -8.41 -20.50 2.98
CA GLY D 59 -7.80 -20.03 4.24
C GLY D 59 -7.94 -18.52 4.38
N ASN D 60 -7.45 -17.76 3.39
CA ASN D 60 -7.43 -16.27 3.41
C ASN D 60 -8.36 -15.70 2.32
N GLY D 61 -9.17 -16.52 1.66
CA GLY D 61 -10.13 -16.11 0.60
C GLY D 61 -9.49 -15.34 -0.55
N THR D 62 -8.43 -15.91 -1.13
CA THR D 62 -7.62 -15.33 -2.22
C THR D 62 -7.76 -16.19 -3.47
N VAL D 63 -7.67 -15.55 -4.64
CA VAL D 63 -7.53 -16.19 -5.97
C VAL D 63 -6.20 -15.73 -6.56
N VAL D 64 -5.15 -16.55 -6.38
CA VAL D 64 -3.77 -16.25 -6.85
C VAL D 64 -3.64 -16.77 -8.29
N ARG D 65 -3.08 -15.95 -9.16
CA ARG D 65 -2.82 -16.29 -10.58
C ARG D 65 -1.34 -16.04 -10.83
N ASN D 66 -0.70 -16.93 -11.60
CA ASN D 66 0.75 -16.80 -11.87
C ASN D 66 1.13 -17.76 -12.99
N SER D 67 2.36 -17.62 -13.47
CA SER D 67 2.99 -18.47 -14.50
C SER D 67 4.26 -19.11 -13.92
N LEU D 68 4.53 -20.36 -14.30
CA LEU D 68 5.81 -21.06 -14.01
C LEU D 68 6.49 -21.25 -15.35
N LEU D 69 7.38 -20.32 -15.72
CA LEU D 69 8.18 -20.31 -16.98
C LEU D 69 9.65 -20.50 -16.63
N ASN D 70 10.19 -21.69 -16.91
CA ASN D 70 11.62 -22.04 -16.69
C ASN D 70 11.84 -22.23 -15.18
N GLY D 71 11.11 -23.19 -14.59
CA GLY D 71 11.19 -23.60 -13.17
C GLY D 71 10.86 -22.46 -12.21
N SER D 72 10.53 -21.28 -12.76
CA SER D 72 10.51 -19.98 -12.04
C SER D 72 9.11 -19.35 -12.10
N TRP D 73 8.59 -19.00 -10.93
CA TRP D 73 7.33 -18.23 -10.77
C TRP D 73 7.60 -16.77 -11.12
N GLY D 74 6.58 -16.02 -11.54
CA GLY D 74 6.64 -14.57 -11.78
C GLY D 74 5.87 -13.85 -10.71
N SER D 75 5.39 -12.63 -11.00
CA SER D 75 4.56 -11.80 -10.09
C SER D 75 3.15 -12.40 -9.99
N GLU D 76 2.64 -12.48 -8.77
CA GLU D 76 1.26 -12.90 -8.45
C GLU D 76 0.28 -11.79 -8.86
N GLU D 77 -0.91 -12.21 -9.28
CA GLU D 77 -2.07 -11.32 -9.55
C GLU D 77 -3.16 -11.81 -8.61
N LYS D 78 -3.66 -10.93 -7.74
CA LYS D 78 -4.65 -11.27 -6.67
C LYS D 78 -5.90 -10.38 -6.72
N LYS D 79 -5.90 -9.27 -7.46
CA LYS D 79 -7.04 -8.33 -7.54
C LYS D 79 -8.29 -9.10 -7.96
N ILE D 80 -9.36 -9.01 -7.16
CA ILE D 80 -10.70 -9.51 -7.54
C ILE D 80 -11.75 -8.50 -7.07
N THR D 81 -12.98 -8.62 -7.54
CA THR D 81 -14.13 -7.85 -7.02
C THR D 81 -15.10 -8.80 -6.33
N HIS D 82 -14.84 -10.10 -6.38
CA HIS D 82 -15.70 -11.15 -5.78
C HIS D 82 -14.90 -12.45 -5.69
N ASN D 83 -15.22 -13.29 -4.68
CA ASN D 83 -14.61 -14.63 -4.46
C ASN D 83 -15.72 -15.70 -4.48
N PRO D 84 -15.89 -16.44 -5.62
CA PRO D 84 -16.89 -17.51 -5.74
C PRO D 84 -16.47 -18.89 -5.20
N PHE D 85 -15.32 -19.00 -4.54
CA PHE D 85 -14.68 -20.28 -4.18
C PHE D 85 -14.79 -20.56 -2.67
N GLY D 86 -15.83 -20.07 -2.00
CA GLY D 86 -16.01 -20.29 -0.55
C GLY D 86 -16.24 -21.78 -0.26
N PRO D 87 -15.83 -22.30 0.93
CA PRO D 87 -16.05 -23.71 1.25
C PRO D 87 -17.56 -24.05 1.18
N GLY D 88 -17.89 -25.26 0.73
CA GLY D 88 -19.28 -25.67 0.49
C GLY D 88 -19.94 -24.97 -0.68
N GLN D 89 -19.26 -24.11 -1.45
CA GLN D 89 -19.93 -23.42 -2.59
C GLN D 89 -19.72 -24.23 -3.87
N PHE D 90 -20.74 -24.22 -4.73
CA PHE D 90 -20.64 -24.60 -6.16
C PHE D 90 -20.19 -23.39 -6.97
N PHE D 91 -19.41 -23.63 -8.04
CA PHE D 91 -18.88 -22.60 -8.96
C PHE D 91 -18.98 -23.09 -10.41
N ASP D 92 -19.29 -22.13 -11.29
CA ASP D 92 -19.46 -22.28 -12.75
C ASP D 92 -18.45 -21.36 -13.45
N LEU D 93 -17.26 -21.90 -13.74
CA LEU D 93 -16.04 -21.17 -14.17
C LEU D 93 -15.86 -21.34 -15.67
N SER D 94 -15.53 -20.27 -16.36
CA SER D 94 -15.27 -20.25 -17.81
C SER D 94 -13.98 -19.47 -18.02
N ILE D 95 -13.16 -19.96 -18.95
CA ILE D 95 -11.84 -19.40 -19.27
C ILE D 95 -11.77 -19.29 -20.79
N ARG D 96 -11.94 -18.08 -21.31
CA ARG D 96 -11.70 -17.82 -22.74
C ARG D 96 -10.23 -17.42 -22.93
N CYS D 97 -9.59 -18.12 -23.86
CA CYS D 97 -8.23 -17.80 -24.31
C CYS D 97 -8.37 -16.78 -25.44
N GLY D 98 -7.96 -15.52 -25.19
CA GLY D 98 -7.87 -14.45 -26.21
C GLY D 98 -6.48 -14.41 -26.81
N LEU D 99 -6.26 -13.58 -27.83
CA LEU D 99 -4.93 -13.42 -28.45
C LEU D 99 -3.95 -12.79 -27.45
N ASP D 100 -4.40 -11.86 -26.61
CA ASP D 100 -3.51 -11.14 -25.66
C ASP D 100 -3.68 -11.64 -24.22
N ARG D 101 -4.80 -12.29 -23.89
CA ARG D 101 -5.17 -12.51 -22.47
C ARG D 101 -6.19 -13.65 -22.34
N PHE D 102 -6.11 -14.31 -21.20
CA PHE D 102 -7.20 -15.16 -20.64
C PHE D 102 -8.24 -14.20 -20.11
N LYS D 103 -9.52 -14.55 -20.31
CA LYS D 103 -10.65 -13.90 -19.62
C LYS D 103 -11.38 -14.98 -18.85
N VAL D 104 -11.48 -14.80 -17.54
CA VAL D 104 -12.04 -15.80 -16.60
C VAL D 104 -13.27 -15.18 -15.98
N TYR D 105 -14.34 -15.96 -15.91
CA TYR D 105 -15.66 -15.61 -15.33
C TYR D 105 -16.05 -16.74 -14.40
N ALA D 106 -16.77 -16.38 -13.35
CA ALA D 106 -17.38 -17.31 -12.40
C ALA D 106 -18.84 -16.90 -12.23
N ASN D 107 -19.72 -17.87 -12.47
CA ASN D 107 -21.17 -17.76 -12.25
C ASN D 107 -21.67 -16.61 -13.12
N GLY D 108 -21.09 -16.48 -14.31
CA GLY D 108 -21.45 -15.45 -15.31
C GLY D 108 -20.77 -14.10 -15.10
N GLN D 109 -20.05 -13.89 -13.99
CA GLN D 109 -19.47 -12.57 -13.64
C GLN D 109 -17.96 -12.59 -13.84
N HIS D 110 -17.45 -11.61 -14.57
CA HIS D 110 -16.01 -11.49 -14.89
C HIS D 110 -15.26 -11.60 -13.56
N LEU D 111 -14.21 -12.41 -13.49
CA LEU D 111 -13.43 -12.61 -12.25
C LEU D 111 -12.05 -11.95 -12.39
N PHE D 112 -11.34 -12.22 -13.49
CA PHE D 112 -10.08 -11.52 -13.82
C PHE D 112 -9.70 -11.77 -15.27
N ASP D 113 -8.72 -10.96 -15.71
CA ASP D 113 -7.94 -11.10 -16.95
C ASP D 113 -6.50 -11.41 -16.58
N PHE D 114 -5.86 -12.27 -17.36
CA PHE D 114 -4.44 -12.62 -17.18
C PHE D 114 -3.79 -12.49 -18.57
N ALA D 115 -2.92 -11.48 -18.72
CA ALA D 115 -2.09 -11.24 -19.91
C ALA D 115 -1.18 -12.44 -20.11
N HIS D 116 -1.19 -13.01 -21.31
CA HIS D 116 -0.24 -14.08 -21.72
C HIS D 116 1.15 -13.64 -21.29
N ARG D 117 1.88 -14.50 -20.55
CA ARG D 117 3.32 -14.32 -20.28
C ARG D 117 4.09 -15.27 -21.21
N LEU D 118 3.72 -16.54 -21.24
CA LEU D 118 4.01 -17.46 -22.38
C LEU D 118 3.22 -17.00 -23.62
N SER D 119 3.82 -16.16 -24.45
CA SER D 119 3.23 -15.57 -25.69
C SER D 119 2.75 -16.70 -26.64
N ALA D 120 3.49 -17.80 -26.74
CA ALA D 120 3.13 -18.94 -27.61
C ALA D 120 2.23 -19.91 -26.83
N PHE D 121 0.99 -19.47 -26.51
CA PHE D 121 -0.01 -20.21 -25.68
C PHE D 121 -0.46 -21.51 -26.38
N GLN D 122 -0.39 -21.56 -27.71
CA GLN D 122 -0.59 -22.77 -28.56
C GLN D 122 0.19 -23.96 -27.97
N ARG D 123 1.38 -23.73 -27.38
CA ARG D 123 2.27 -24.78 -26.79
C ARG D 123 1.58 -25.49 -25.61
N VAL D 124 0.55 -24.89 -25.01
CA VAL D 124 -0.12 -25.50 -23.83
C VAL D 124 -1.02 -26.63 -24.33
N ASP D 125 -0.94 -27.78 -23.68
CA ASP D 125 -1.61 -28.98 -24.22
C ASP D 125 -2.35 -29.71 -23.10
N THR D 126 -2.42 -29.14 -21.91
CA THR D 126 -2.81 -29.90 -20.70
C THR D 126 -3.58 -28.99 -19.76
N LEU D 127 -4.81 -29.36 -19.45
CA LEU D 127 -5.58 -28.72 -18.37
C LEU D 127 -5.45 -29.59 -17.13
N GLU D 128 -4.77 -29.10 -16.09
CA GLU D 128 -4.53 -29.91 -14.86
C GLU D 128 -5.34 -29.30 -13.75
N ILE D 129 -6.15 -30.14 -13.08
CA ILE D 129 -6.86 -29.73 -11.85
C ILE D 129 -6.41 -30.63 -10.70
N GLN D 130 -5.92 -30.00 -9.63
CA GLN D 130 -5.43 -30.67 -8.40
C GLN D 130 -6.11 -30.07 -7.17
N GLY D 131 -6.09 -30.80 -6.07
CA GLY D 131 -6.32 -30.24 -4.72
C GLY D 131 -7.74 -30.46 -4.23
N ASP D 132 -8.22 -29.55 -3.40
CA ASP D 132 -9.47 -29.75 -2.64
C ASP D 132 -10.65 -29.23 -3.44
N VAL D 133 -11.07 -29.96 -4.47
CA VAL D 133 -12.21 -29.58 -5.35
C VAL D 133 -12.88 -30.86 -5.85
N THR D 134 -14.19 -30.86 -6.01
CA THR D 134 -14.93 -31.92 -6.74
C THR D 134 -15.34 -31.33 -8.09
N LEU D 135 -15.05 -32.00 -9.22
CA LEU D 135 -15.47 -31.56 -10.57
C LEU D 135 -16.80 -32.22 -10.94
N SER D 136 -17.85 -31.42 -11.24
CA SER D 136 -19.15 -31.81 -11.89
C SER D 136 -18.91 -32.06 -13.40
N TYR D 137 -18.14 -31.21 -14.10
CA TYR D 137 -18.23 -31.10 -15.58
C TYR D 137 -16.99 -30.35 -16.08
N VAL D 138 -16.28 -30.90 -17.07
CA VAL D 138 -15.25 -30.14 -17.84
C VAL D 138 -15.64 -30.19 -19.32
N GLN D 139 -15.82 -29.05 -19.97
CA GLN D 139 -15.94 -29.02 -21.46
C GLN D 139 -14.88 -28.09 -22.03
N ILE D 140 -13.96 -28.66 -22.82
CA ILE D 140 -12.92 -27.96 -23.61
C ILE D 140 -13.65 -27.03 -24.59
#